data_4FOD
#
_entry.id   4FOD
#
_cell.length_a   51.717
_cell.length_b   57.700
_cell.length_c   105.939
_cell.angle_alpha   90.000
_cell.angle_beta   90.000
_cell.angle_gamma   90.000
#
_symmetry.space_group_name_H-M   'P 21 21 21'
#
loop_
_entity.id
_entity.type
_entity.pdbx_description
1 polymer 'ALK tyrosine kinase receptor'
2 non-polymer 4-fluoro-N-{(2E)-6-{[4-(2-hydroxypropan-2-yl)piperidin-1-yl]methyl}-1-[cis-4-(propan-2-ylcarbamoyl)cyclohexyl]-1,3-dihydro-2H-benzimidazol-2-ylidene}benzamide
3 non-polymer GLYCEROL
4 water water
#
_entity_poly.entity_id   1
_entity_poly.type   'polypeptide(L)'
_entity_poly.pdbx_seq_one_letter_code
;YKLSKLRTSTIMTDYNPNYSFAGKTSSISDLKEVPRKNITLIRGLGHGAFGEVYEGQVSGMPNDPSPLQVAVKTLPEVCS
EQDELDFLMEALIISKFNHQNIVRCIGVSLQSLPRFILLELMAGGDLKSFLRETRPRPSQPSSLAMLDLLHVARDIACGC
QYLEENHFIHRDIAARNCLLTCPGPGRVAKIGDFGMARDIYRASYYRKGGCAMLPVKWMPPEAFMEGIFTSKTDTWSFGV
LLWEIFSLGYMPYPSKSNQEVLEFVTSGGRMDPPKNCPGPVYRIMTQCWQHQPEDRPNFAIILERIEYCTQDPDVINTAL
PIEYGPLVEEEEK
;
_entity_poly.pdbx_strand_id   A
#
loop_
_chem_comp.id
_chem_comp.type
_chem_comp.name
_chem_comp.formula
0UV non-polymer 4-fluoro-N-{(2E)-6-{[4-(2-hydroxypropan-2-yl)piperidin-1-yl]methyl}-1-[cis-4-(propan-2-ylcarbamoyl)cyclohexyl]-1,3-dihydro-2H-benzimidazol-2-ylidene}benzamide 'C33 H44 F N5 O3'
GOL non-polymer GLYCEROL 'C3 H8 O3'
#
# COMPACT_ATOMS: atom_id res chain seq x y z
N THR A 8 -9.61 9.45 27.97
CA THR A 8 -8.99 10.61 27.27
C THR A 8 -7.48 10.59 27.52
N SER A 9 -6.68 10.83 26.47
CA SER A 9 -5.22 10.76 26.55
C SER A 9 -4.64 12.08 27.05
N THR A 10 -3.59 12.00 27.87
CA THR A 10 -2.94 13.19 28.41
C THR A 10 -2.14 13.91 27.33
N ILE A 11 -1.23 13.18 26.70
CA ILE A 11 -0.31 13.77 25.73
C ILE A 11 -0.92 14.06 24.35
N MET A 12 -1.97 13.32 23.98
CA MET A 12 -2.71 13.69 22.77
C MET A 12 -3.38 15.05 22.97
N THR A 13 -3.91 15.26 24.18
CA THR A 13 -4.54 16.53 24.56
C THR A 13 -3.51 17.64 24.88
N ASP A 14 -2.34 17.27 25.42
CA ASP A 14 -1.25 18.23 25.68
C ASP A 14 -0.69 18.81 24.39
N TYR A 15 -0.33 17.92 23.46
CA TYR A 15 0.21 18.33 22.17
C TYR A 15 -0.90 18.82 21.24
N ASN A 16 -1.96 18.02 21.10
CA ASN A 16 -3.11 18.36 20.24
C ASN A 16 -2.68 18.76 18.83
N PRO A 17 -1.96 17.86 18.13
CA PRO A 17 -1.43 18.19 16.82
C PRO A 17 -2.52 18.42 15.79
N ASN A 18 -2.28 19.38 14.89
CA ASN A 18 -3.14 19.62 13.76
C ASN A 18 -2.62 18.85 12.56
N TYR A 19 -3.53 18.40 11.71
CA TYR A 19 -3.13 17.75 10.47
C TYR A 19 -3.84 18.45 9.32
N SER A 20 -3.07 18.76 8.26
CA SER A 20 -3.62 19.41 7.08
C SER A 20 -3.48 18.54 5.85
N PHE A 21 -4.57 18.45 5.10
CA PHE A 21 -4.66 17.70 3.85
C PHE A 21 -5.64 18.44 2.95
N ALA A 22 -5.25 18.63 1.68
CA ALA A 22 -6.11 19.26 0.71
C ALA A 22 -6.62 20.62 1.22
N GLY A 23 -5.77 21.37 1.92
CA GLY A 23 -6.13 22.71 2.36
C GLY A 23 -7.11 22.81 3.52
N LYS A 24 -7.32 21.71 4.23
CA LYS A 24 -8.22 21.70 5.38
C LYS A 24 -7.48 21.09 6.56
N THR A 25 -7.70 21.65 7.74
CA THR A 25 -6.96 21.26 8.93
C THR A 25 -7.88 20.52 9.89
N SER A 26 -7.41 19.42 10.44
CA SER A 26 -8.21 18.61 11.36
C SER A 26 -7.42 18.34 12.63
N SER A 27 -8.14 17.91 13.67
CA SER A 27 -7.48 17.52 14.91
C SER A 27 -8.25 16.36 15.54
N ILE A 28 -7.78 15.89 16.69
CA ILE A 28 -8.36 14.74 17.37
C ILE A 28 -9.89 14.87 17.54
N SER A 29 -10.37 16.08 17.80
CA SER A 29 -11.82 16.32 17.95
C SER A 29 -12.63 16.05 16.70
N ASP A 30 -12.01 16.03 15.52
CA ASP A 30 -12.71 15.66 14.28
C ASP A 30 -12.86 14.14 14.07
N LEU A 31 -12.07 13.33 14.77
CA LEU A 31 -12.15 11.89 14.59
C LEU A 31 -13.48 11.39 15.14
N LYS A 32 -14.05 10.37 14.51
CA LYS A 32 -15.35 9.83 14.92
C LYS A 32 -15.14 8.78 16.01
N GLU A 33 -15.46 9.13 17.24
CA GLU A 33 -15.23 8.23 18.38
C GLU A 33 -16.39 7.25 18.49
N VAL A 34 -16.08 5.97 18.48
CA VAL A 34 -17.08 4.93 18.56
C VAL A 34 -17.07 4.38 20.00
N PRO A 35 -18.24 4.29 20.65
CA PRO A 35 -18.23 3.82 22.05
C PRO A 35 -17.59 2.43 22.16
N ARG A 36 -16.71 2.24 23.14
CA ARG A 36 -15.99 0.96 23.28
C ARG A 36 -16.93 -0.25 23.41
N LYS A 37 -18.09 -0.05 24.04
CA LYS A 37 -19.08 -1.13 24.21
C LYS A 37 -19.64 -1.62 22.87
N ASN A 38 -19.54 -0.80 21.83
CA ASN A 38 -20.02 -1.19 20.50
C ASN A 38 -19.04 -2.03 19.69
N ILE A 39 -17.85 -2.26 20.21
CA ILE A 39 -16.74 -2.86 19.46
C ILE A 39 -16.38 -4.22 20.07
N THR A 40 -16.38 -5.28 19.26
CA THR A 40 -15.93 -6.59 19.72
C THR A 40 -14.85 -7.13 18.82
N LEU A 41 -13.74 -7.55 19.40
CA LEU A 41 -12.66 -8.20 18.62
C LEU A 41 -13.02 -9.68 18.39
N ILE A 42 -12.79 -10.18 17.18
CA ILE A 42 -13.16 -11.54 16.80
C ILE A 42 -11.93 -12.47 16.74
N ARG A 43 -10.84 -12.01 16.13
CA ARG A 43 -9.64 -12.83 15.90
C ARG A 43 -8.45 -11.95 15.48
N GLY A 44 -7.23 -12.43 15.72
CA GLY A 44 -6.04 -11.77 15.22
C GLY A 44 -5.94 -12.00 13.72
N LEU A 45 -5.38 -11.04 12.99
CA LEU A 45 -5.19 -11.17 11.53
C LEU A 45 -3.72 -11.14 11.11
N GLY A 46 -2.82 -10.95 12.07
CA GLY A 46 -1.39 -10.84 11.79
C GLY A 46 -0.81 -9.52 12.24
N HIS A 47 0.48 -9.34 11.93
CA HIS A 47 1.28 -8.22 12.40
C HIS A 47 1.26 -7.11 11.39
N GLY A 48 0.93 -5.89 11.82
CA GLY A 48 0.94 -4.74 10.91
C GLY A 48 1.39 -3.48 11.62
N ALA A 49 0.75 -2.36 11.29
CA ALA A 49 1.04 -1.09 11.97
C ALA A 49 0.70 -1.23 13.45
N PHE A 50 1.68 -0.92 14.30
CA PHE A 50 1.55 -0.95 15.77
C PHE A 50 1.42 -2.36 16.39
N GLY A 51 1.67 -3.39 15.59
CA GLY A 51 1.63 -4.78 16.08
C GLY A 51 0.46 -5.55 15.50
N GLU A 52 -0.13 -6.43 16.29
CA GLU A 52 -1.24 -7.26 15.85
C GLU A 52 -2.44 -6.42 15.36
N VAL A 53 -2.97 -6.76 14.17
CA VAL A 53 -4.20 -6.19 13.66
C VAL A 53 -5.27 -7.24 13.88
N TYR A 54 -6.48 -6.82 14.25
CA TYR A 54 -7.57 -7.75 14.60
C TYR A 54 -8.78 -7.57 13.72
N GLU A 55 -9.48 -8.65 13.43
CA GLU A 55 -10.83 -8.55 12.91
C GLU A 55 -11.77 -8.18 14.06
N GLY A 56 -12.70 -7.28 13.77
CA GLY A 56 -13.65 -6.81 14.76
C GLY A 56 -15.00 -6.55 14.16
N GLN A 57 -15.95 -6.24 15.03
CA GLN A 57 -17.27 -5.84 14.58
C GLN A 57 -17.76 -4.67 15.40
N VAL A 58 -18.47 -3.76 14.76
CA VAL A 58 -19.01 -2.58 15.40
C VAL A 58 -20.55 -2.66 15.44
N SER A 59 -21.10 -2.50 16.64
CA SER A 59 -22.55 -2.46 16.93
C SER A 59 -23.22 -3.76 16.52
N SER A 66 -27.28 -7.05 12.00
CA SER A 66 -25.91 -7.57 11.94
C SER A 66 -24.90 -6.43 11.84
N PRO A 67 -23.73 -6.61 12.48
CA PRO A 67 -22.80 -5.50 12.69
C PRO A 67 -21.88 -5.20 11.52
N LEU A 68 -21.15 -4.10 11.62
CA LEU A 68 -20.18 -3.67 10.63
C LEU A 68 -18.90 -4.46 10.86
N GLN A 69 -18.37 -5.13 9.84
CA GLN A 69 -17.08 -5.81 9.98
C GLN A 69 -15.94 -4.83 9.81
N VAL A 70 -14.92 -4.91 10.67
CA VAL A 70 -13.79 -3.99 10.60
C VAL A 70 -12.45 -4.67 10.86
N ALA A 71 -11.39 -4.00 10.44
CA ALA A 71 -10.04 -4.28 10.91
C ALA A 71 -9.72 -3.25 12.02
N VAL A 72 -9.05 -3.72 13.08
CA VAL A 72 -8.76 -2.90 14.25
C VAL A 72 -7.26 -2.85 14.49
N LYS A 73 -6.68 -1.67 14.38
CA LYS A 73 -5.32 -1.44 14.88
C LYS A 73 -5.40 -1.02 16.32
N THR A 74 -4.48 -1.53 17.13
CA THR A 74 -4.48 -1.26 18.55
C THR A 74 -3.16 -0.63 18.88
N LEU A 75 -3.19 0.27 19.86
CA LEU A 75 -1.98 0.86 20.39
C LEU A 75 -1.61 0.10 21.67
N PRO A 76 -0.37 -0.44 21.74
CA PRO A 76 0.06 -1.08 22.98
C PRO A 76 -0.06 -0.16 24.18
N GLU A 77 -0.59 -0.64 25.29
CA GLU A 77 -0.65 0.16 26.48
C GLU A 77 0.75 0.49 27.01
N VAL A 78 1.72 -0.37 26.71
CA VAL A 78 3.12 -0.09 27.01
C VAL A 78 3.75 0.54 25.76
N CYS A 79 3.84 1.86 25.75
CA CYS A 79 4.33 2.58 24.58
C CYS A 79 4.79 3.96 25.04
N SER A 80 5.62 4.60 24.23
CA SER A 80 6.11 5.94 24.53
C SER A 80 5.11 7.02 24.16
N GLU A 81 5.37 8.23 24.61
CA GLU A 81 4.57 9.38 24.25
C GLU A 81 4.59 9.59 22.73
N GLN A 82 5.71 9.31 22.11
CA GLN A 82 5.84 9.46 20.66
C GLN A 82 5.05 8.41 19.87
N ASP A 83 4.92 7.20 20.43
CA ASP A 83 4.04 6.16 19.88
C ASP A 83 2.58 6.61 19.90
N GLU A 84 2.18 7.25 21.00
CA GLU A 84 0.83 7.80 21.14
C GLU A 84 0.54 8.85 20.08
N LEU A 85 1.46 9.79 19.91
CA LEU A 85 1.32 10.83 18.92
C LEU A 85 1.31 10.22 17.52
N ASP A 86 2.17 9.21 17.29
CA ASP A 86 2.17 8.49 15.99
C ASP A 86 0.81 7.87 15.70
N PHE A 87 0.16 7.33 16.73
CA PHE A 87 -1.11 6.63 16.58
C PHE A 87 -2.22 7.62 16.23
N LEU A 88 -2.22 8.76 16.93
CA LEU A 88 -3.16 9.82 16.64
C LEU A 88 -3.00 10.32 15.20
N MET A 89 -1.78 10.53 14.77
CA MET A 89 -1.53 11.07 13.44
C MET A 89 -1.94 10.08 12.35
N GLU A 90 -1.75 8.79 12.62
CA GLU A 90 -2.23 7.73 11.73
C GLU A 90 -3.74 7.83 11.55
N ALA A 91 -4.47 8.00 12.65
CA ALA A 91 -5.93 8.15 12.60
C ALA A 91 -6.32 9.38 11.79
N LEU A 92 -5.63 10.51 12.02
CA LEU A 92 -5.97 11.76 11.33
C LEU A 92 -5.76 11.62 9.82
N ILE A 93 -4.61 11.05 9.43
CA ILE A 93 -4.27 10.87 8.03
C ILE A 93 -5.30 10.02 7.26
N ILE A 94 -5.57 8.82 7.75
CA ILE A 94 -6.51 7.93 7.06
C ILE A 94 -7.95 8.44 7.08
N SER A 95 -8.37 9.07 8.18
CA SER A 95 -9.72 9.61 8.26
C SER A 95 -10.00 10.76 7.26
N LYS A 96 -8.97 11.47 6.79
CA LYS A 96 -9.21 12.56 5.82
C LYS A 96 -9.16 12.19 4.35
N PHE A 97 -8.70 10.99 4.02
CA PHE A 97 -8.77 10.51 2.65
C PHE A 97 -10.19 10.13 2.30
N ASN A 98 -10.56 10.32 1.04
CA ASN A 98 -11.86 9.92 0.54
C ASN A 98 -11.72 9.40 -0.87
N HIS A 99 -11.48 8.09 -0.99
CA HIS A 99 -11.30 7.47 -2.28
C HIS A 99 -11.51 5.97 -2.17
N GLN A 100 -12.11 5.39 -3.20
CA GLN A 100 -12.49 3.98 -3.18
C GLN A 100 -11.28 3.02 -3.17
N ASN A 101 -10.09 3.51 -3.55
CA ASN A 101 -8.88 2.67 -3.55
C ASN A 101 -7.93 3.02 -2.39
N ILE A 102 -8.48 3.66 -1.37
CA ILE A 102 -7.81 3.86 -0.11
C ILE A 102 -8.72 3.33 0.99
N VAL A 103 -8.18 2.48 1.88
CA VAL A 103 -9.01 1.90 2.95
C VAL A 103 -9.74 2.99 3.72
N ARG A 104 -11.03 2.76 4.02
CA ARG A 104 -11.83 3.69 4.80
C ARG A 104 -11.54 3.51 6.28
N CYS A 105 -11.72 4.60 7.02
CA CYS A 105 -11.68 4.58 8.47
C CYS A 105 -13.11 4.74 8.98
N ILE A 106 -13.59 3.74 9.72
CA ILE A 106 -14.93 3.73 10.29
C ILE A 106 -14.96 4.72 11.45
N GLY A 107 -13.85 4.79 12.17
CA GLY A 107 -13.72 5.68 13.30
C GLY A 107 -12.60 5.22 14.20
N VAL A 108 -12.63 5.72 15.43
CA VAL A 108 -11.60 5.46 16.43
C VAL A 108 -12.25 5.18 17.79
N SER A 109 -11.51 4.54 18.69
CA SER A 109 -11.86 4.42 20.09
C SER A 109 -10.60 4.76 20.86
N LEU A 110 -10.41 6.07 21.10
CA LEU A 110 -9.20 6.59 21.74
C LEU A 110 -9.41 6.90 23.22
N GLN A 111 -10.65 6.80 23.70
CA GLN A 111 -10.97 7.17 25.07
C GLN A 111 -11.06 5.98 26.00
N SER A 112 -10.70 4.80 25.50
CA SER A 112 -10.47 3.64 26.36
C SER A 112 -9.15 3.02 25.95
N LEU A 113 -8.62 2.17 26.81
CA LEU A 113 -7.33 1.53 26.60
C LEU A 113 -7.51 0.02 26.47
N PRO A 114 -6.79 -0.62 25.53
CA PRO A 114 -5.91 0.01 24.54
C PRO A 114 -6.71 0.78 23.50
N ARG A 115 -6.08 1.80 22.93
CA ARG A 115 -6.73 2.65 21.94
C ARG A 115 -6.83 1.90 20.61
N PHE A 116 -7.93 2.14 19.89
CA PHE A 116 -8.23 1.50 18.63
C PHE A 116 -8.40 2.50 17.49
N ILE A 117 -8.03 2.09 16.29
CA ILE A 117 -8.45 2.72 15.04
C ILE A 117 -9.22 1.62 14.29
N LEU A 118 -10.41 1.99 13.82
CA LEU A 118 -11.33 1.08 13.16
C LEU A 118 -11.31 1.35 11.65
N LEU A 119 -10.94 0.33 10.87
CA LEU A 119 -10.74 0.46 9.44
C LEU A 119 -11.58 -0.53 8.64
N GLU A 120 -11.75 -0.24 7.35
CA GLU A 120 -12.40 -1.16 6.43
C GLU A 120 -11.73 -2.55 6.49
N LEU A 121 -12.51 -3.61 6.70
CA LEU A 121 -11.94 -4.96 6.75
C LEU A 121 -11.57 -5.38 5.34
N MET A 122 -10.30 -5.74 5.13
CA MET A 122 -9.86 -6.21 3.81
C MET A 122 -9.64 -7.72 3.86
N ALA A 123 -10.67 -8.46 3.47
CA ALA A 123 -10.73 -9.91 3.67
C ALA A 123 -9.71 -10.69 2.84
N GLY A 124 -9.20 -10.08 1.77
CA GLY A 124 -8.17 -10.70 0.94
C GLY A 124 -6.74 -10.59 1.48
N GLY A 125 -6.54 -9.82 2.54
CA GLY A 125 -5.21 -9.59 3.11
C GLY A 125 -4.33 -8.69 2.25
N ASP A 126 -3.02 -8.69 2.52
CA ASP A 126 -2.08 -7.89 1.75
C ASP A 126 -1.78 -8.51 0.40
N LEU A 127 -1.48 -7.67 -0.56
CA LEU A 127 -1.27 -8.08 -1.93
C LEU A 127 -0.05 -8.96 -2.11
N LYS A 128 1.03 -8.71 -1.38
CA LYS A 128 2.23 -9.53 -1.55
C LYS A 128 1.95 -10.99 -1.18
N SER A 129 1.37 -11.19 0.00
CA SER A 129 1.02 -12.53 0.46
C SER A 129 -0.02 -13.17 -0.46
N PHE A 130 -0.95 -12.37 -0.97
CA PHE A 130 -1.96 -12.87 -1.87
C PHE A 130 -1.32 -13.44 -3.15
N LEU A 131 -0.45 -12.64 -3.78
CA LEU A 131 0.19 -13.05 -5.01
C LEU A 131 1.00 -14.33 -4.80
N ARG A 132 1.73 -14.40 -3.70
CA ARG A 132 2.54 -15.57 -3.41
C ARG A 132 1.67 -16.82 -3.21
N GLU A 133 0.57 -16.67 -2.49
CA GLU A 133 -0.28 -17.81 -2.14
C GLU A 133 -1.24 -18.20 -3.25
N THR A 134 -1.47 -17.31 -4.21
CA THR A 134 -2.45 -17.56 -5.28
C THR A 134 -1.78 -17.72 -6.65
N ARG A 135 -0.46 -17.87 -6.65
CA ARG A 135 0.29 -18.20 -7.88
C ARG A 135 -0.28 -19.42 -8.59
N PRO A 136 -0.36 -19.39 -9.93
CA PRO A 136 -0.76 -20.61 -10.60
C PRO A 136 0.15 -21.79 -10.27
N ARG A 137 -0.47 -22.93 -9.95
CA ARG A 137 0.23 -24.18 -9.60
C ARG A 137 -0.56 -25.36 -10.18
N PRO A 138 0.08 -26.54 -10.30
CA PRO A 138 -0.63 -27.72 -10.80
C PRO A 138 -1.96 -28.04 -10.10
N SER A 139 -2.07 -27.74 -8.80
CA SER A 139 -3.35 -27.92 -8.08
C SER A 139 -4.37 -26.81 -8.38
N GLN A 140 -3.90 -25.62 -8.72
CA GLN A 140 -4.74 -24.45 -9.02
C GLN A 140 -4.22 -23.77 -10.30
N PRO A 141 -4.39 -24.42 -11.47
CA PRO A 141 -3.68 -24.03 -12.70
C PRO A 141 -4.07 -22.67 -13.32
N SER A 142 -5.31 -22.24 -13.13
CA SER A 142 -5.75 -20.91 -13.55
C SER A 142 -6.27 -20.15 -12.34
N SER A 143 -5.45 -20.08 -11.30
CA SER A 143 -5.81 -19.30 -10.10
C SER A 143 -5.78 -17.80 -10.37
N LEU A 144 -4.86 -17.35 -11.24
CA LEU A 144 -4.80 -15.95 -11.67
C LEU A 144 -4.51 -15.88 -13.16
N ALA A 145 -4.93 -14.77 -13.77
CA ALA A 145 -4.66 -14.48 -15.18
C ALA A 145 -4.10 -13.06 -15.28
N MET A 146 -3.53 -12.71 -16.44
CA MET A 146 -3.01 -11.37 -16.65
C MET A 146 -3.98 -10.25 -16.27
N LEU A 147 -5.26 -10.40 -16.62
CA LEU A 147 -6.27 -9.37 -16.35
C LEU A 147 -6.49 -9.13 -14.84
N ASP A 148 -6.41 -10.18 -14.03
CA ASP A 148 -6.43 -10.03 -12.57
C ASP A 148 -5.31 -9.08 -12.11
N LEU A 149 -4.12 -9.25 -12.68
CA LEU A 149 -2.97 -8.42 -12.31
C LEU A 149 -3.13 -6.98 -12.79
N LEU A 150 -3.61 -6.80 -14.01
CA LEU A 150 -3.86 -5.47 -14.56
C LEU A 150 -4.93 -4.72 -13.78
N HIS A 151 -5.93 -5.44 -13.26
CA HIS A 151 -6.97 -4.81 -12.45
C HIS A 151 -6.44 -4.33 -11.13
N VAL A 152 -5.60 -5.13 -10.46
CA VAL A 152 -4.92 -4.70 -9.23
C VAL A 152 -4.07 -3.45 -9.51
N ALA A 153 -3.35 -3.46 -10.64
CA ALA A 153 -2.49 -2.32 -11.01
C ALA A 153 -3.27 -1.05 -11.20
N ARG A 154 -4.35 -1.15 -11.97
CA ARG A 154 -5.27 -0.04 -12.18
C ARG A 154 -5.83 0.50 -10.86
N ASP A 155 -6.25 -0.43 -9.99
CA ASP A 155 -6.86 -0.04 -8.69
C ASP A 155 -5.87 0.82 -7.90
N ILE A 156 -4.63 0.34 -7.78
CA ILE A 156 -3.62 1.06 -7.02
C ILE A 156 -3.20 2.39 -7.72
N ALA A 157 -3.02 2.37 -9.04
CA ALA A 157 -2.74 3.61 -9.79
C ALA A 157 -3.85 4.64 -9.60
N CYS A 158 -5.10 4.19 -9.53
CA CYS A 158 -6.24 5.06 -9.25
C CYS A 158 -6.12 5.74 -7.86
N GLY A 159 -5.74 4.98 -6.84
CA GLY A 159 -5.43 5.51 -5.51
C GLY A 159 -4.24 6.46 -5.50
N CYS A 160 -3.19 6.12 -6.25
CA CYS A 160 -2.03 7.00 -6.37
C CYS A 160 -2.35 8.28 -7.12
N GLN A 161 -3.16 8.18 -8.17
CA GLN A 161 -3.62 9.38 -8.90
C GLN A 161 -4.36 10.32 -7.95
N TYR A 162 -5.22 9.76 -7.10
CA TYR A 162 -5.95 10.55 -6.07
C TYR A 162 -4.99 11.26 -5.12
N LEU A 163 -3.95 10.56 -4.69
CA LEU A 163 -2.95 11.18 -3.81
C LEU A 163 -2.14 12.31 -4.50
N GLU A 164 -1.67 12.04 -5.71
CA GLU A 164 -1.00 13.02 -6.55
C GLU A 164 -1.85 14.28 -6.77
N GLU A 165 -3.10 14.09 -7.18
CA GLU A 165 -4.04 15.20 -7.38
C GLU A 165 -4.16 16.08 -6.13
N ASN A 166 -4.08 15.43 -4.97
CA ASN A 166 -4.20 16.10 -3.69
C ASN A 166 -2.87 16.44 -3.02
N HIS A 167 -1.78 16.31 -3.79
CA HIS A 167 -0.44 16.72 -3.37
C HIS A 167 0.06 16.02 -2.15
N PHE A 168 -0.31 14.74 -2.01
CA PHE A 168 0.13 13.89 -0.91
C PHE A 168 1.14 12.90 -1.47
N ILE A 169 2.33 12.89 -0.90
CA ILE A 169 3.40 12.01 -1.37
C ILE A 169 3.47 10.82 -0.44
N HIS A 170 3.22 9.63 -0.99
CA HIS A 170 3.10 8.43 -0.19
C HIS A 170 4.41 7.93 0.36
N ARG A 171 5.43 7.82 -0.50
CA ARG A 171 6.82 7.44 -0.12
C ARG A 171 7.09 5.95 0.16
N ASP A 172 6.07 5.09 0.07
CA ASP A 172 6.24 3.70 0.45
C ASP A 172 5.22 2.81 -0.26
N ILE A 173 5.02 3.09 -1.55
CA ILE A 173 4.11 2.31 -2.39
C ILE A 173 4.78 0.97 -2.69
N ALA A 174 4.22 -0.11 -2.14
CA ALA A 174 4.84 -1.41 -2.22
C ALA A 174 3.73 -2.42 -2.00
N ALA A 175 3.91 -3.63 -2.52
CA ALA A 175 2.85 -4.63 -2.51
C ALA A 175 2.41 -4.96 -1.08
N ARG A 176 3.36 -4.96 -0.15
CA ARG A 176 3.05 -5.23 1.27
C ARG A 176 2.07 -4.22 1.90
N ASN A 177 1.98 -3.03 1.32
CA ASN A 177 1.12 -1.96 1.84
C ASN A 177 -0.20 -1.82 1.11
N CYS A 178 -0.45 -2.73 0.17
CA CYS A 178 -1.71 -2.81 -0.56
C CYS A 178 -2.52 -3.98 -0.05
N LEU A 179 -3.84 -3.80 -0.01
CA LEU A 179 -4.77 -4.81 0.51
C LEU A 179 -5.86 -5.11 -0.50
N LEU A 180 -6.50 -6.27 -0.33
CA LEU A 180 -7.56 -6.73 -1.20
C LEU A 180 -8.86 -6.91 -0.42
N THR A 181 -9.96 -6.49 -1.01
CA THR A 181 -11.26 -6.59 -0.33
C THR A 181 -11.65 -8.05 -0.08
N CYS A 182 -11.26 -8.94 -0.98
CA CYS A 182 -11.56 -10.37 -0.87
C CYS A 182 -10.58 -11.15 -1.74
N PRO A 183 -10.43 -12.46 -1.50
CA PRO A 183 -9.48 -13.24 -2.34
C PRO A 183 -10.03 -13.58 -3.72
N GLY A 184 -11.35 -13.66 -3.85
CA GLY A 184 -11.98 -14.17 -5.06
C GLY A 184 -12.20 -13.14 -6.14
N PRO A 185 -12.93 -13.53 -7.21
CA PRO A 185 -13.21 -12.59 -8.29
C PRO A 185 -13.93 -11.36 -7.78
N GLY A 186 -13.69 -10.23 -8.43
CA GLY A 186 -14.29 -8.97 -8.01
C GLY A 186 -13.47 -8.28 -6.93
N ARG A 187 -12.32 -8.83 -6.57
CA ARG A 187 -11.47 -8.22 -5.55
C ARG A 187 -11.11 -6.82 -6.02
N VAL A 188 -11.03 -5.90 -5.07
CA VAL A 188 -10.56 -4.55 -5.34
C VAL A 188 -9.34 -4.29 -4.47
N ALA A 189 -8.28 -3.76 -5.08
CA ALA A 189 -7.05 -3.44 -4.36
C ALA A 189 -7.07 -2.00 -3.88
N LYS A 190 -6.54 -1.79 -2.67
CA LYS A 190 -6.51 -0.47 -2.03
C LYS A 190 -5.19 -0.26 -1.29
N ILE A 191 -4.76 0.99 -1.20
CA ILE A 191 -3.59 1.37 -0.37
C ILE A 191 -4.04 1.31 1.08
N GLY A 192 -3.28 0.60 1.91
CA GLY A 192 -3.67 0.27 3.29
C GLY A 192 -2.69 0.66 4.37
N ASP A 193 -1.66 1.40 4.02
CA ASP A 193 -0.68 1.86 5.01
C ASP A 193 -0.11 3.21 4.59
N PHE A 194 0.05 4.08 5.57
CA PHE A 194 0.61 5.42 5.40
C PHE A 194 1.66 5.73 6.47
N GLY A 195 2.36 4.69 6.94
CA GLY A 195 3.28 4.84 8.07
C GLY A 195 4.52 5.69 7.79
N MET A 196 5.09 5.53 6.61
CA MET A 196 6.24 6.37 6.18
C MET A 196 5.85 7.84 6.06
N ALA A 197 4.74 8.11 5.37
CA ALA A 197 4.25 9.49 5.27
C ALA A 197 3.95 10.07 6.66
N ARG A 198 3.42 9.23 7.54
CA ARG A 198 3.09 9.65 8.89
C ARG A 198 4.34 10.09 9.65
N ASP A 199 5.41 9.28 9.55
CA ASP A 199 6.68 9.60 10.20
C ASP A 199 7.30 10.89 9.68
N ILE A 200 7.26 11.09 8.37
CA ILE A 200 7.79 12.31 7.74
C ILE A 200 6.98 13.56 8.10
N TYR A 201 5.66 13.43 8.10
CA TYR A 201 4.80 14.52 8.58
C TYR A 201 5.15 14.93 10.02
N ARG A 202 5.58 13.99 10.87
CA ARG A 202 5.93 14.29 12.28
C ARG A 202 7.43 14.48 12.54
N ALA A 203 8.17 15.03 11.58
CA ALA A 203 9.60 15.31 11.79
C ALA A 203 10.14 16.30 10.76
N CYS A 211 19.97 4.18 6.76
CA CYS A 211 19.07 3.59 7.73
C CYS A 211 18.54 2.22 7.26
N ALA A 212 18.80 1.19 8.07
CA ALA A 212 18.49 -0.21 7.72
C ALA A 212 17.01 -0.53 7.45
N MET A 213 16.09 0.38 7.80
CA MET A 213 14.66 0.16 7.59
C MET A 213 14.01 0.93 6.43
N LEU A 214 14.73 1.86 5.80
CA LEU A 214 14.17 2.58 4.64
C LEU A 214 13.82 1.59 3.52
N PRO A 215 12.74 1.85 2.76
CA PRO A 215 12.37 0.93 1.69
C PRO A 215 13.18 1.19 0.41
N VAL A 216 14.51 1.02 0.54
CA VAL A 216 15.50 1.35 -0.48
C VAL A 216 15.12 0.84 -1.86
N LYS A 217 14.61 -0.39 -1.89
CA LYS A 217 14.30 -1.09 -3.14
C LYS A 217 13.09 -0.51 -3.92
N TRP A 218 12.34 0.38 -3.28
CA TRP A 218 11.23 1.11 -3.91
C TRP A 218 11.53 2.56 -4.19
N MET A 219 12.77 3.00 -3.96
CA MET A 219 13.12 4.44 -3.99
C MET A 219 13.89 4.85 -5.25
N PRO A 220 13.57 6.02 -5.83
CA PRO A 220 14.30 6.50 -6.98
C PRO A 220 15.67 7.11 -6.57
N PRO A 221 16.59 7.25 -7.55
CA PRO A 221 17.95 7.75 -7.32
C PRO A 221 18.02 9.03 -6.49
N GLU A 222 17.16 10.00 -6.79
CA GLU A 222 17.20 11.31 -6.14
C GLU A 222 16.74 11.26 -4.68
N ALA A 223 16.05 10.18 -4.30
CA ALA A 223 15.56 10.00 -2.93
C ALA A 223 16.67 9.76 -1.92
N PHE A 224 17.47 8.71 -2.12
CA PHE A 224 18.52 8.39 -1.13
C PHE A 224 19.78 9.24 -1.29
N MET A 225 19.90 9.94 -2.41
CA MET A 225 21.01 10.87 -2.60
C MET A 225 20.71 12.20 -1.92
N GLU A 226 19.70 12.90 -2.43
CA GLU A 226 19.43 14.27 -2.06
C GLU A 226 18.28 14.40 -1.06
N GLY A 227 17.53 13.31 -0.81
CA GLY A 227 16.38 13.36 0.09
C GLY A 227 15.28 14.25 -0.45
N ILE A 228 15.21 14.36 -1.77
CA ILE A 228 14.18 15.13 -2.45
C ILE A 228 13.01 14.20 -2.82
N PHE A 229 11.83 14.54 -2.33
CA PHE A 229 10.63 13.78 -2.62
C PHE A 229 9.60 14.65 -3.37
N THR A 230 8.97 14.05 -4.37
CA THR A 230 7.87 14.66 -5.13
C THR A 230 6.91 13.51 -5.50
N SER A 231 5.85 13.77 -6.25
CA SER A 231 4.96 12.67 -6.69
C SER A 231 5.63 11.75 -7.71
N LYS A 232 6.69 12.25 -8.37
CA LYS A 232 7.49 11.40 -9.25
C LYS A 232 8.31 10.36 -8.48
N THR A 233 8.43 10.56 -7.16
CA THR A 233 8.93 9.51 -6.26
C THR A 233 7.94 8.34 -6.24
N ASP A 234 6.66 8.64 -6.05
CA ASP A 234 5.64 7.58 -6.05
C ASP A 234 5.55 6.87 -7.40
N THR A 235 5.77 7.60 -8.49
CA THR A 235 5.78 6.97 -9.82
C THR A 235 6.83 5.89 -9.92
N TRP A 236 8.05 6.18 -9.44
CA TRP A 236 9.13 5.18 -9.39
C TRP A 236 8.73 3.98 -8.59
N SER A 237 8.20 4.23 -7.40
CA SER A 237 7.81 3.16 -6.51
C SER A 237 6.69 2.31 -7.16
N PHE A 238 5.75 2.97 -7.83
CA PHE A 238 4.69 2.25 -8.55
C PHE A 238 5.25 1.30 -9.62
N GLY A 239 6.31 1.74 -10.29
CA GLY A 239 7.01 0.88 -11.24
C GLY A 239 7.50 -0.41 -10.59
N VAL A 240 8.07 -0.29 -9.39
CA VAL A 240 8.53 -1.44 -8.63
C VAL A 240 7.35 -2.30 -8.17
N LEU A 241 6.27 -1.68 -7.67
CA LEU A 241 5.02 -2.39 -7.38
C LEU A 241 4.52 -3.19 -8.58
N LEU A 242 4.56 -2.60 -9.77
CA LEU A 242 4.17 -3.32 -10.99
C LEU A 242 5.03 -4.57 -11.19
N TRP A 243 6.34 -4.45 -10.98
CA TRP A 243 7.23 -5.60 -11.08
C TRP A 243 6.82 -6.63 -10.04
N GLU A 244 6.56 -6.20 -8.81
CA GLU A 244 6.08 -7.13 -7.78
C GLU A 244 4.82 -7.89 -8.21
N ILE A 245 3.88 -7.17 -8.82
CA ILE A 245 2.61 -7.74 -9.24
C ILE A 245 2.82 -8.78 -10.35
N PHE A 246 3.56 -8.40 -11.40
CA PHE A 246 3.72 -9.26 -12.57
C PHE A 246 4.71 -10.40 -12.37
N SER A 247 5.55 -10.29 -11.34
CA SER A 247 6.37 -11.40 -10.86
C SER A 247 5.60 -12.34 -9.95
N LEU A 248 4.38 -11.98 -9.56
CA LEU A 248 3.58 -12.75 -8.61
C LEU A 248 4.20 -12.77 -7.20
N GLY A 249 4.64 -11.61 -6.73
CA GLY A 249 5.05 -11.46 -5.33
C GLY A 249 6.50 -11.76 -4.99
N TYR A 250 7.42 -11.70 -5.96
CA TYR A 250 8.85 -11.82 -5.68
C TYR A 250 9.39 -10.52 -5.07
N MET A 251 10.45 -10.66 -4.28
CA MET A 251 11.18 -9.53 -3.74
C MET A 251 11.88 -8.86 -4.92
N PRO A 252 11.76 -7.53 -5.04
CA PRO A 252 12.47 -6.82 -6.11
C PRO A 252 13.99 -6.97 -6.03
N TYR A 253 14.65 -6.85 -7.18
CA TYR A 253 16.10 -7.01 -7.30
C TYR A 253 16.59 -8.31 -6.65
N PRO A 254 16.12 -9.47 -7.16
CA PRO A 254 16.48 -10.76 -6.58
C PRO A 254 17.99 -10.94 -6.43
N SER A 255 18.40 -11.35 -5.24
CA SER A 255 19.82 -11.59 -4.90
C SER A 255 20.59 -10.33 -4.47
N LYS A 256 20.02 -9.15 -4.65
CA LYS A 256 20.72 -7.92 -4.29
C LYS A 256 20.32 -7.43 -2.90
N SER A 257 21.31 -6.94 -2.16
CA SER A 257 21.08 -6.27 -0.88
C SER A 257 20.69 -4.80 -1.10
N ASN A 258 20.28 -4.14 -0.03
CA ASN A 258 19.92 -2.73 -0.12
C ASN A 258 21.01 -1.86 -0.73
N GLN A 259 22.25 -1.98 -0.24
CA GLN A 259 23.33 -1.15 -0.79
C GLN A 259 23.66 -1.54 -2.23
N GLU A 260 23.55 -2.82 -2.58
CA GLU A 260 23.79 -3.24 -3.95
C GLU A 260 22.71 -2.61 -4.85
N VAL A 261 21.45 -2.62 -4.39
CA VAL A 261 20.37 -1.97 -5.17
C VAL A 261 20.63 -0.48 -5.36
N LEU A 262 21.01 0.20 -4.29
CA LEU A 262 21.28 1.62 -4.34
C LEU A 262 22.33 1.95 -5.41
N GLU A 263 23.44 1.23 -5.40
CA GLU A 263 24.52 1.47 -6.37
C GLU A 263 24.08 1.10 -7.79
N PHE A 264 23.37 -0.02 -7.91
CA PHE A 264 22.84 -0.51 -9.18
C PHE A 264 21.94 0.54 -9.82
N VAL A 265 20.94 0.98 -9.06
CA VAL A 265 19.93 1.94 -9.55
C VAL A 265 20.54 3.30 -9.89
N THR A 266 21.42 3.81 -9.01
CA THR A 266 22.05 5.11 -9.21
C THR A 266 23.06 5.11 -10.37
N SER A 267 23.42 3.92 -10.85
CA SER A 267 24.30 3.80 -12.02
C SER A 267 23.54 3.45 -13.31
N GLY A 268 22.20 3.44 -13.27
CA GLY A 268 21.36 3.14 -14.44
C GLY A 268 20.78 1.72 -14.51
N GLY A 269 21.10 0.89 -13.53
CA GLY A 269 20.61 -0.48 -13.50
C GLY A 269 19.12 -0.55 -13.27
N ARG A 270 18.45 -1.42 -14.02
CA ARG A 270 17.01 -1.68 -13.87
C ARG A 270 16.76 -3.17 -13.89
N MET A 271 15.69 -3.57 -13.23
CA MET A 271 15.25 -4.95 -13.23
C MET A 271 14.87 -5.43 -14.62
N ASP A 272 15.14 -6.72 -14.86
CA ASP A 272 14.65 -7.42 -16.04
C ASP A 272 13.12 -7.56 -15.98
N PRO A 273 12.51 -7.89 -17.11
CA PRO A 273 11.08 -8.19 -17.04
C PRO A 273 10.82 -9.42 -16.17
N PRO A 274 9.74 -9.42 -15.40
CA PRO A 274 9.31 -10.66 -14.73
C PRO A 274 9.00 -11.75 -15.74
N LYS A 275 9.06 -13.00 -15.29
CA LYS A 275 8.81 -14.15 -16.14
C LYS A 275 7.44 -14.04 -16.84
N ASN A 276 7.44 -14.16 -18.17
CA ASN A 276 6.25 -14.05 -19.05
C ASN A 276 5.61 -12.68 -19.14
N CYS A 277 6.25 -11.66 -18.58
CA CYS A 277 5.72 -10.30 -18.64
C CYS A 277 5.56 -9.82 -20.08
N PRO A 278 4.35 -9.40 -20.46
CA PRO A 278 4.22 -8.81 -21.81
C PRO A 278 5.02 -7.53 -21.95
N GLY A 279 5.53 -7.29 -23.15
CA GLY A 279 6.37 -6.13 -23.41
C GLY A 279 5.70 -4.83 -23.07
N PRO A 280 4.41 -4.68 -23.46
CA PRO A 280 3.73 -3.41 -23.15
C PRO A 280 3.64 -3.13 -21.63
N VAL A 281 3.48 -4.17 -20.83
CA VAL A 281 3.52 -4.00 -19.37
C VAL A 281 4.91 -3.62 -18.86
N TYR A 282 5.95 -4.33 -19.32
CA TYR A 282 7.34 -4.00 -18.93
C TYR A 282 7.70 -2.57 -19.31
N ARG A 283 7.22 -2.10 -20.44
CA ARG A 283 7.49 -0.72 -20.86
C ARG A 283 6.90 0.33 -19.93
N ILE A 284 5.79 0.03 -19.30
CA ILE A 284 5.27 0.92 -18.26
C ILE A 284 6.27 1.00 -17.09
N MET A 285 6.76 -0.15 -16.66
CA MET A 285 7.79 -0.19 -15.58
C MET A 285 9.01 0.67 -15.94
N THR A 286 9.55 0.48 -17.14
CA THR A 286 10.77 1.20 -17.52
C THR A 286 10.55 2.71 -17.66
N GLN A 287 9.34 3.13 -18.01
CA GLN A 287 9.00 4.57 -18.00
C GLN A 287 8.92 5.14 -16.59
N CYS A 288 8.34 4.38 -15.67
CA CYS A 288 8.33 4.73 -14.23
C CYS A 288 9.74 4.86 -13.65
N TRP A 289 10.69 4.13 -14.20
CA TRP A 289 12.07 4.12 -13.71
C TRP A 289 13.03 5.01 -14.47
N GLN A 290 12.50 6.03 -15.16
CA GLN A 290 13.37 7.00 -15.85
C GLN A 290 14.22 7.74 -14.83
N HIS A 291 15.51 7.87 -15.12
CA HIS A 291 16.42 8.49 -14.17
C HIS A 291 16.00 9.87 -13.76
N GLN A 292 15.56 10.69 -14.72
CA GLN A 292 15.12 12.04 -14.40
C GLN A 292 13.63 12.04 -14.08
N PRO A 293 13.24 12.60 -12.93
CA PRO A 293 11.83 12.68 -12.49
C PRO A 293 10.89 13.24 -13.58
N GLU A 294 11.37 14.23 -14.31
CA GLU A 294 10.59 14.92 -15.34
C GLU A 294 10.20 13.99 -16.46
N ASP A 295 11.01 12.96 -16.67
CA ASP A 295 10.78 12.01 -17.75
C ASP A 295 9.80 10.90 -17.35
N ARG A 296 9.53 10.80 -16.05
CA ARG A 296 8.57 9.82 -15.55
C ARG A 296 7.13 10.29 -15.78
N PRO A 297 6.25 9.36 -16.19
CA PRO A 297 4.83 9.67 -16.33
C PRO A 297 4.14 9.99 -15.00
N ASN A 298 3.21 10.93 -15.03
CA ASN A 298 2.27 11.09 -13.92
C ASN A 298 1.26 9.91 -13.89
N PHE A 299 0.41 9.86 -12.88
CA PHE A 299 -0.50 8.72 -12.74
C PHE A 299 -1.68 8.70 -13.72
N ALA A 300 -2.05 9.86 -14.25
CA ALA A 300 -3.00 9.90 -15.36
C ALA A 300 -2.48 9.13 -16.56
N ILE A 301 -1.19 9.33 -16.89
CA ILE A 301 -0.58 8.65 -18.02
C ILE A 301 -0.39 7.16 -17.72
N ILE A 302 0.05 6.85 -16.49
CA ILE A 302 0.14 5.44 -16.08
C ILE A 302 -1.21 4.73 -16.25
N LEU A 303 -2.31 5.35 -15.82
CA LEU A 303 -3.63 4.74 -15.95
C LEU A 303 -4.04 4.50 -17.41
N GLU A 304 -3.76 5.47 -18.28
CA GLU A 304 -4.04 5.31 -19.70
C GLU A 304 -3.29 4.12 -20.31
N ARG A 305 -2.04 3.94 -19.88
CA ARG A 305 -1.20 2.87 -20.39
C ARG A 305 -1.65 1.52 -19.85
N ILE A 306 -2.06 1.48 -18.59
CA ILE A 306 -2.64 0.24 -18.02
C ILE A 306 -3.96 -0.13 -18.76
N GLU A 307 -4.80 0.86 -19.04
CA GLU A 307 -6.04 0.62 -19.79
C GLU A 307 -5.75 0.05 -21.18
N TYR A 308 -4.78 0.62 -21.89
CA TYR A 308 -4.40 0.13 -23.20
C TYR A 308 -3.93 -1.33 -23.16
N CYS A 309 -3.01 -1.64 -22.24
CA CYS A 309 -2.63 -3.03 -21.94
C CYS A 309 -3.85 -3.92 -21.71
N THR A 310 -4.83 -3.42 -20.98
CA THR A 310 -6.01 -4.19 -20.61
C THR A 310 -6.88 -4.49 -21.84
N GLN A 311 -6.86 -3.60 -22.83
CA GLN A 311 -7.68 -3.81 -24.03
C GLN A 311 -6.95 -4.64 -25.13
N ASP A 312 -5.65 -4.91 -24.95
CA ASP A 312 -4.82 -5.58 -25.97
C ASP A 312 -4.88 -7.09 -25.82
N PRO A 313 -5.48 -7.79 -26.79
CA PRO A 313 -5.58 -9.25 -26.66
C PRO A 313 -4.25 -9.99 -26.45
N ASP A 314 -3.18 -9.54 -27.09
CA ASP A 314 -1.89 -10.22 -26.95
C ASP A 314 -1.33 -10.13 -25.51
N VAL A 315 -1.58 -9.03 -24.83
CA VAL A 315 -1.25 -8.92 -23.40
C VAL A 315 -2.11 -9.85 -22.56
N ILE A 316 -3.42 -9.69 -22.63
CA ILE A 316 -4.31 -10.39 -21.71
C ILE A 316 -4.42 -11.90 -22.00
N ASN A 317 -4.02 -12.32 -23.20
CA ASN A 317 -4.02 -13.75 -23.52
C ASN A 317 -2.70 -14.44 -23.20
N THR A 318 -1.74 -13.71 -22.63
CA THR A 318 -0.45 -14.31 -22.26
C THR A 318 -0.64 -15.12 -20.98
N ALA A 319 -0.19 -16.36 -20.99
CA ALA A 319 -0.28 -17.20 -19.80
C ALA A 319 0.78 -16.80 -18.77
N LEU A 320 0.39 -16.80 -17.51
CA LEU A 320 1.32 -16.66 -16.41
C LEU A 320 2.04 -17.98 -16.20
N PRO A 321 3.26 -17.91 -15.70
CA PRO A 321 4.02 -19.15 -15.45
C PRO A 321 3.40 -20.00 -14.34
N ILE A 322 3.47 -21.32 -14.48
CA ILE A 322 2.96 -22.24 -13.46
C ILE A 322 4.12 -22.60 -12.55
N GLU A 323 3.95 -22.36 -11.26
CA GLU A 323 4.98 -22.69 -10.29
C GLU A 323 4.81 -24.16 -9.89
N TYR A 324 5.87 -24.94 -10.01
CA TYR A 324 5.77 -26.39 -9.86
C TYR A 324 5.49 -26.85 -8.41
N GLY A 325 4.58 -27.81 -8.28
CA GLY A 325 4.26 -28.47 -7.00
C GLY A 325 3.37 -29.69 -7.25
N PRO A 326 2.83 -30.30 -6.17
CA PRO A 326 1.93 -31.47 -6.31
C PRO A 326 0.51 -31.11 -6.78
N LEU A 327 -0.28 -32.11 -7.17
CA LEU A 327 -1.72 -31.91 -7.45
C LEU A 327 -2.50 -31.71 -6.14
N VAL A 328 -1.98 -32.26 -5.04
CA VAL A 328 -2.52 -32.04 -3.69
C VAL A 328 -1.38 -31.95 -2.67
C24 0UV B . 0.85 -2.88 6.68
C24 0UV B . 1.04 -2.91 6.60
C23 0UV B . -0.55 -3.46 6.44
C23 0UV B . -0.39 -3.46 6.53
C25 0UV B . -1.02 -3.19 5.02
C25 0UV B . -1.01 -3.19 5.16
N5 0UV B . -0.50 -4.93 6.68
N5 0UV B . -0.36 -4.92 6.80
C22 0UV B . -1.17 -5.49 7.70
C22 0UV B . -1.09 -5.47 7.76
O2 0UV B . -1.84 -4.86 8.52
O2 0UV B . -1.84 -4.84 8.50
C19 0UV B . -1.02 -7.02 7.81
C19 0UV B . -0.95 -6.99 7.91
C20 0UV B . -1.86 -7.57 9.00
C20 0UV B . -1.82 -7.51 9.08
C21 0UV B . -3.36 -7.74 8.67
C21 0UV B . -3.31 -7.66 8.75
C18 0UV B . -1.38 -7.67 6.48
C18 0UV B . -1.32 -7.67 6.58
C17 0UV B . -2.89 -7.77 6.26
C17 0UV B . -2.84 -7.74 6.34
C16 0UV B . -3.56 -8.54 7.40
C16 0UV B . -3.50 -8.50 7.50
N1 0UV B . -5.00 -8.73 7.07
N1 0UV B . -4.93 -8.75 7.18
C4 0UV B . -5.57 -9.91 6.76
C4 0UV B . -5.44 -9.95 6.89
C3 0UV B . -5.09 -11.21 6.66
C3 0UV B . -4.87 -11.23 6.82
C2 0UV B . -5.95 -12.26 6.29
C2 0UV B . -5.66 -12.33 6.50
C15 0UV B . -5.43 -13.70 6.18
C15 0UV B . -5.01 -13.73 6.41
N4 0UV B . -5.19 -14.08 4.77
N4 0UV B . -5.18 -14.57 7.62
C30 0UV B . -6.43 -13.92 3.97
C30 0UV B . -4.95 -13.79 8.84
C29 0UV B . -6.16 -14.29 2.52
C29 0UV B . -5.04 -14.69 10.07
C26 0UV B . -4.74 -15.48 4.73
C26 0UV B . -4.23 -15.69 7.51
C27 0UV B . -4.46 -15.93 3.29
C27 0UV B . -4.25 -16.59 8.75
C28 0UV B . -5.70 -15.74 2.41
C28 0UV B . -3.95 -15.75 9.99
C31 0UV B . -5.43 -16.16 0.96
C31 0UV B . -3.87 -16.60 11.26
C32 0UV B . -4.26 -15.35 0.39
C32 0UV B . -2.92 -15.97 12.27
C33 0UV B . -6.67 -15.93 0.12
C33 0UV B . -3.41 -18.01 10.92
O3 0UV B . -5.10 -17.56 0.97
O3 0UV B . -5.18 -16.66 11.85
C1 0UV B . -7.29 -11.99 6.06
C1 0UV B . -7.02 -12.14 6.25
C6 0UV B . -7.77 -10.68 6.18
C6 0UV B . -7.57 -10.87 6.32
C5 0UV B . -6.91 -9.63 6.52
C5 0UV B . -6.79 -9.76 6.65
N2 0UV B . -7.11 -8.31 6.69
N2 0UV B . -7.05 -8.45 6.78
C7 0UV B . -5.93 -7.79 7.05
C7 0UV B . -5.92 -7.85 7.13
N3 0UV B . -5.73 -6.49 7.27
N3 0UV B . -5.75 -6.54 7.32
C8 0UV B . -6.73 -5.63 7.08
C8 0UV B . -6.77 -5.70 7.09
O1 0UV B . -7.89 -5.96 6.78
O1 0UV B . -7.92 -6.04 6.78
C9 0UV B . -6.36 -4.16 7.22
C9 0UV B . -6.40 -4.23 7.23
C10 0UV B . -5.09 -3.79 7.63
C10 0UV B . -5.11 -3.87 7.63
C11 0UV B . -4.77 -2.45 7.74
C11 0UV B . -4.76 -2.53 7.73
C12 0UV B . -5.71 -1.48 7.41
C12 0UV B . -5.69 -1.55 7.41
F1 0UV B . -5.41 -0.18 7.50
F1 0UV B . -5.36 -0.26 7.50
C13 0UV B . -6.97 -1.85 6.98
C13 0UV B . -6.97 -1.91 6.99
C14 0UV B . -7.30 -3.19 6.88
C14 0UV B . -7.32 -3.24 6.90
C1 GOL C . 10.65 -14.00 -12.47
O1 GOL C . 9.41 -13.28 -12.48
C2 GOL C . 11.64 -13.29 -11.58
O2 GOL C . 10.98 -12.90 -10.38
C3 GOL C . 12.79 -14.24 -11.24
O3 GOL C . 13.72 -13.54 -10.41
#